data_1EKO
#
_entry.id   1EKO
#
_cell.length_a   68.810
_cell.length_b   68.810
_cell.length_c   154.770
_cell.angle_alpha   90.00
_cell.angle_beta   90.00
_cell.angle_gamma   90.00
#
_symmetry.space_group_name_H-M   'P 43 21 2'
#
loop_
_entity.id
_entity.type
_entity.pdbx_description
1 polymer 'ALDOSE REDUCTASE'
2 non-polymer 'NADP NICOTINAMIDE-ADENINE-DINUCLEOTIDE PHOSPHATE'
3 non-polymer [2,6-DIMETHYL-4-(2-O-TOLYL-ACETYLAMINO)-BENZENESULFONYL]-GLYCINE
4 water water
#
_entity_poly.entity_id   1
_entity_poly.type   'polypeptide(L)'
_entity_poly.pdbx_seq_one_letter_code
;(AYA)SHLVLYTGAKMPILGLGTWKSPPGKVTEAVKVAIDLGYRHIDCAHVYQNENEVGLGLQEKLQGQVVKREDLFIVS
KLWCTDHEKNLVKGACQTTLRDLKLDYLDLYLIHWPTGFKPGKDPFPLDGDGNVVPDESDFVETWEAMEELVDEGLVKAI
GVSNFNHLQVEKILNKPGLKYKPAVNQIEVHPYLTQEKLIEYCKSKGIVVTAYSPLGSPDRPWAKPEDPSLLEDPRIKAI
AAKYNKTTAQVLIRFPMQRNLIVIPKSVTPERIAENFQVFDFELSPEDMNTLLSYNRNWRVCALMSCASHKDYPFHEEY
;
_entity_poly.pdbx_strand_id   A
#
# COMPACT_ATOMS: atom_id res chain seq x y z
N SER A 2 -2.94 17.78 -2.70
CA SER A 2 -2.69 17.45 -1.30
C SER A 2 -3.51 16.22 -0.97
N HIS A 3 -4.43 15.86 -1.87
CA HIS A 3 -5.29 14.69 -1.71
C HIS A 3 -5.92 14.39 -3.06
N LEU A 4 -6.38 13.15 -3.28
CA LEU A 4 -7.03 12.78 -4.52
C LEU A 4 -8.41 12.31 -4.14
N VAL A 5 -9.35 12.24 -5.07
CA VAL A 5 -10.69 11.82 -4.74
C VAL A 5 -11.11 10.46 -5.31
N LEU A 6 -11.54 9.55 -4.44
CA LEU A 6 -11.96 8.23 -4.85
C LEU A 6 -13.31 8.35 -5.53
N TYR A 7 -13.70 7.37 -6.34
CA TYR A 7 -14.96 7.41 -7.06
C TYR A 7 -16.18 7.43 -6.15
N THR A 8 -15.99 7.27 -4.84
CA THR A 8 -17.10 7.28 -3.89
C THR A 8 -17.29 8.72 -3.41
N GLY A 9 -16.29 9.56 -3.63
CA GLY A 9 -16.37 10.94 -3.20
C GLY A 9 -15.34 11.25 -2.14
N ALA A 10 -15.01 10.26 -1.32
CA ALA A 10 -14.03 10.42 -0.23
C ALA A 10 -12.68 11.00 -0.64
N LYS A 11 -12.17 11.95 0.14
CA LYS A 11 -10.88 12.56 -0.13
C LYS A 11 -9.80 11.69 0.51
N MET A 12 -8.83 11.25 -0.27
CA MET A 12 -7.75 10.41 0.23
C MET A 12 -6.45 11.19 0.27
N PRO A 13 -5.82 11.27 1.45
CA PRO A 13 -4.55 11.99 1.64
C PRO A 13 -3.46 11.53 0.67
N ILE A 14 -2.96 12.45 -0.17
CA ILE A 14 -1.93 12.10 -1.14
C ILE A 14 -0.69 11.50 -0.50
N LEU A 15 -0.50 11.67 0.80
CA LEU A 15 0.67 11.12 1.47
C LEU A 15 0.24 10.32 2.70
N GLY A 16 1.01 9.30 3.07
CA GLY A 16 0.63 8.52 4.22
C GLY A 16 1.82 7.84 4.84
N LEU A 17 1.66 7.28 6.03
CA LEU A 17 2.76 6.60 6.71
C LEU A 17 2.69 5.09 6.48
N GLY A 18 3.80 4.48 6.08
CA GLY A 18 3.82 3.05 5.84
C GLY A 18 4.22 2.35 7.12
N THR A 19 3.71 1.16 7.40
CA THR A 19 4.05 0.49 8.65
C THR A 19 4.62 -0.92 8.54
N TRP A 20 4.94 -1.40 7.34
CA TRP A 20 5.50 -2.74 7.20
C TRP A 20 6.94 -2.70 7.66
N LYS A 21 7.28 -3.59 8.59
CA LYS A 21 8.63 -3.68 9.16
C LYS A 21 8.84 -2.68 10.29
N SER A 22 7.81 -1.96 10.71
CA SER A 22 7.94 -1.03 11.82
C SER A 22 7.73 -1.83 13.11
N PRO A 23 8.80 -2.06 13.88
CA PRO A 23 8.72 -2.82 15.12
C PRO A 23 7.55 -2.40 16.01
N PRO A 24 6.86 -3.38 16.62
CA PRO A 24 5.72 -3.07 17.49
C PRO A 24 6.08 -2.07 18.59
N GLY A 25 7.29 -2.18 19.14
CA GLY A 25 7.70 -1.26 20.20
C GLY A 25 8.25 0.06 19.72
N LYS A 26 8.00 0.44 18.47
CA LYS A 26 8.49 1.70 17.92
C LYS A 26 7.42 2.32 17.04
N VAL A 27 6.53 1.49 16.50
CA VAL A 27 5.45 1.95 15.62
C VAL A 27 4.44 2.84 16.33
N THR A 28 4.15 2.60 17.61
CA THR A 28 3.19 3.42 18.32
C THR A 28 3.67 4.86 18.33
N GLU A 29 4.96 5.09 18.60
CA GLU A 29 5.51 6.43 18.64
C GLU A 29 5.64 7.07 17.25
N ALA A 30 5.90 6.25 16.22
CA ALA A 30 6.05 6.76 14.86
C ALA A 30 4.70 7.28 14.40
N VAL A 31 3.63 6.57 14.77
CA VAL A 31 2.28 6.98 14.40
C VAL A 31 1.97 8.27 15.15
N LYS A 32 2.30 8.31 16.44
CA LYS A 32 2.06 9.49 17.26
C LYS A 32 2.77 10.70 16.66
N VAL A 33 4.05 10.55 16.34
CA VAL A 33 4.81 11.65 15.76
C VAL A 33 4.21 12.12 14.43
N ALA A 34 3.83 11.19 13.56
CA ALA A 34 3.24 11.53 12.26
C ALA A 34 1.94 12.33 12.44
N ILE A 35 1.00 11.82 13.22
CA ILE A 35 -0.26 12.51 13.45
C ILE A 35 0.03 13.92 13.96
N ASP A 36 1.19 14.11 14.60
CA ASP A 36 1.57 15.41 15.16
C ASP A 36 2.20 16.32 14.10
N LEU A 37 2.86 15.74 13.10
CA LEU A 37 3.49 16.53 12.04
C LEU A 37 2.53 16.89 10.93
N GLY A 38 1.37 16.24 10.86
CA GLY A 38 0.41 16.55 9.81
C GLY A 38 -0.17 15.34 9.08
N TYR A 39 0.47 14.18 9.17
CA TYR A 39 -0.01 12.97 8.50
C TYR A 39 -1.44 12.66 8.92
N ARG A 40 -2.29 12.34 7.95
CA ARG A 40 -3.69 12.01 8.22
C ARG A 40 -3.99 10.66 7.59
N HIS A 41 -3.01 10.10 6.90
CA HIS A 41 -3.15 8.83 6.22
C HIS A 41 -2.13 7.81 6.73
N ILE A 42 -2.60 6.69 7.26
CA ILE A 42 -1.73 5.63 7.76
C ILE A 42 -2.04 4.31 7.04
N ASP A 43 -1.03 3.66 6.50
CA ASP A 43 -1.23 2.40 5.77
C ASP A 43 -0.88 1.21 6.65
N CYS A 44 -1.82 0.30 6.89
CA CYS A 44 -1.53 -0.88 7.71
C CYS A 44 -1.92 -2.18 7.02
N ALA A 45 -1.80 -3.29 7.75
CA ALA A 45 -2.13 -4.62 7.25
C ALA A 45 -2.02 -5.60 8.39
N HIS A 46 -2.90 -6.58 8.42
CA HIS A 46 -2.90 -7.60 9.48
C HIS A 46 -1.57 -8.36 9.50
N VAL A 47 -1.06 -8.70 8.33
CA VAL A 47 0.18 -9.43 8.19
C VAL A 47 1.43 -8.71 8.72
N TYR A 48 1.37 -7.41 9.00
CA TYR A 48 2.54 -6.71 9.54
C TYR A 48 2.71 -7.03 11.03
N GLN A 49 1.68 -7.58 11.67
CA GLN A 49 1.72 -7.95 13.08
C GLN A 49 2.00 -6.80 14.04
N ASN A 50 1.50 -5.61 13.76
CA ASN A 50 1.68 -4.44 14.63
C ASN A 50 0.43 -3.55 14.65
N GLU A 51 -0.69 -4.02 14.11
CA GLU A 51 -1.92 -3.23 14.07
C GLU A 51 -2.35 -2.84 15.49
N ASN A 52 -2.12 -3.71 16.47
CA ASN A 52 -2.44 -3.42 17.86
C ASN A 52 -1.62 -2.20 18.32
N GLU A 53 -0.32 -2.22 18.05
CA GLU A 53 0.53 -1.10 18.45
C GLU A 53 0.18 0.13 17.67
N VAL A 54 -0.25 -0.02 16.41
CA VAL A 54 -0.65 1.13 15.59
C VAL A 54 -1.92 1.69 16.22
N GLY A 55 -2.83 0.80 16.62
CA GLY A 55 -4.09 1.20 17.22
C GLY A 55 -3.92 2.00 18.50
N LEU A 56 -2.86 1.75 19.26
CA LEU A 56 -2.62 2.50 20.50
C LEU A 56 -2.23 3.93 20.18
N GLY A 57 -1.37 4.14 19.20
CA GLY A 57 -0.97 5.48 18.84
C GLY A 57 -2.16 6.30 18.38
N LEU A 58 -3.05 5.71 17.60
CA LEU A 58 -4.24 6.40 17.10
C LEU A 58 -5.19 6.72 18.25
N GLN A 59 -5.42 5.73 19.12
CA GLN A 59 -6.30 5.88 20.27
C GLN A 59 -5.87 7.05 21.16
N GLU A 60 -4.59 7.14 21.48
CA GLU A 60 -4.06 8.20 22.32
C GLU A 60 -4.20 9.57 21.68
N LYS A 61 -3.99 9.66 20.38
CA LYS A 61 -4.11 10.94 19.68
C LYS A 61 -5.59 11.31 19.49
N LEU A 62 -6.45 10.31 19.30
CA LEU A 62 -7.88 10.55 19.12
C LEU A 62 -8.49 10.92 20.47
N GLN A 63 -7.97 10.37 21.55
CA GLN A 63 -8.51 10.65 22.88
C GLN A 63 -8.06 12.01 23.37
N GLY A 64 -6.90 12.47 22.92
CA GLY A 64 -6.41 13.78 23.32
C GLY A 64 -6.97 14.86 22.42
N GLN A 65 -8.04 14.54 21.71
CA GLN A 65 -8.68 15.49 20.81
C GLN A 65 -7.71 16.07 19.80
N VAL A 66 -6.53 15.48 19.66
CA VAL A 66 -5.53 15.97 18.70
C VAL A 66 -6.03 15.84 17.27
N VAL A 67 -6.80 14.80 16.98
CA VAL A 67 -7.32 14.57 15.65
C VAL A 67 -8.72 13.96 15.73
N LYS A 68 -9.59 14.29 14.79
CA LYS A 68 -10.93 13.74 14.78
C LYS A 68 -10.96 12.50 13.88
N ARG A 69 -11.61 11.42 14.31
CA ARG A 69 -11.67 10.19 13.52
C ARG A 69 -11.92 10.50 12.05
N GLU A 70 -12.90 11.36 11.77
CA GLU A 70 -13.29 11.72 10.41
C GLU A 70 -12.24 12.47 9.59
N ASP A 71 -11.16 12.93 10.21
CA ASP A 71 -10.11 13.62 9.45
C ASP A 71 -8.99 12.60 9.21
N LEU A 72 -9.15 11.38 9.71
CA LEU A 72 -8.16 10.33 9.59
C LEU A 72 -8.47 9.32 8.48
N PHE A 73 -7.47 8.92 7.71
CA PHE A 73 -7.66 7.94 6.65
C PHE A 73 -6.86 6.70 7.03
N ILE A 74 -7.54 5.66 7.52
CA ILE A 74 -6.86 4.43 7.95
C ILE A 74 -7.08 3.28 6.97
N VAL A 75 -6.00 2.67 6.48
CA VAL A 75 -6.11 1.56 5.55
C VAL A 75 -5.52 0.29 6.13
N SER A 76 -6.13 -0.87 5.84
CA SER A 76 -5.61 -2.16 6.29
C SER A 76 -5.84 -3.12 5.12
N LYS A 77 -5.42 -4.38 5.24
CA LYS A 77 -5.57 -5.33 4.13
C LYS A 77 -5.86 -6.77 4.55
N LEU A 78 -6.65 -7.47 3.73
CA LEU A 78 -7.02 -8.86 3.95
C LEU A 78 -5.85 -9.75 3.49
N TRP A 79 -5.31 -10.59 4.38
CA TRP A 79 -4.19 -11.46 4.03
C TRP A 79 -4.59 -12.68 3.20
N CYS A 80 -3.63 -13.25 2.47
CA CYS A 80 -3.84 -14.40 1.60
C CYS A 80 -4.46 -15.65 2.21
N THR A 81 -4.21 -15.92 3.49
CA THR A 81 -4.80 -17.10 4.14
C THR A 81 -6.26 -16.84 4.50
N ASP A 82 -6.80 -15.67 4.17
CA ASP A 82 -8.18 -15.34 4.52
C ASP A 82 -9.07 -15.02 3.32
N HIS A 83 -8.70 -15.50 2.12
CA HIS A 83 -9.46 -15.22 0.91
C HIS A 83 -10.81 -15.94 0.82
N GLU A 84 -10.95 -17.08 1.49
CA GLU A 84 -12.21 -17.83 1.43
C GLU A 84 -13.37 -16.99 1.94
N LYS A 85 -14.45 -16.90 1.16
CA LYS A 85 -15.62 -16.12 1.50
C LYS A 85 -16.02 -16.09 2.98
N ASN A 86 -16.24 -17.24 3.60
CA ASN A 86 -16.64 -17.25 5.01
C ASN A 86 -15.55 -16.73 5.95
N LEU A 87 -14.33 -16.54 5.46
CA LEU A 87 -13.25 -16.08 6.33
C LEU A 87 -13.01 -14.57 6.28
N VAL A 88 -13.56 -13.87 5.29
CA VAL A 88 -13.32 -12.44 5.13
C VAL A 88 -13.79 -11.52 6.26
N LYS A 89 -15.02 -11.70 6.73
CA LYS A 89 -15.56 -10.83 7.78
C LYS A 89 -14.78 -10.96 9.07
N GLY A 90 -14.40 -12.19 9.42
CA GLY A 90 -13.65 -12.41 10.65
C GLY A 90 -12.36 -11.64 10.63
N ALA A 91 -11.63 -11.74 9.51
CA ALA A 91 -10.36 -11.05 9.37
C ALA A 91 -10.54 -9.55 9.50
N CYS A 92 -11.65 -9.02 8.97
CA CYS A 92 -11.89 -7.59 9.05
C CYS A 92 -12.19 -7.16 10.48
N GLN A 93 -12.97 -7.97 11.22
CA GLN A 93 -13.28 -7.65 12.61
C GLN A 93 -12.00 -7.70 13.46
N THR A 94 -11.14 -8.68 13.22
CA THR A 94 -9.89 -8.80 13.97
C THR A 94 -9.08 -7.53 13.81
N THR A 95 -8.91 -7.07 12.57
CA THR A 95 -8.16 -5.86 12.27
C THR A 95 -8.82 -4.65 12.93
N LEU A 96 -10.15 -4.61 12.95
CA LEU A 96 -10.88 -3.50 13.56
C LEU A 96 -10.63 -3.46 15.07
N ARG A 97 -10.72 -4.61 15.75
CA ARG A 97 -10.45 -4.65 17.18
C ARG A 97 -9.00 -4.27 17.45
N ASP A 98 -8.05 -4.86 16.73
CA ASP A 98 -6.62 -4.54 16.92
C ASP A 98 -6.31 -3.07 16.76
N LEU A 99 -6.95 -2.39 15.80
CA LEU A 99 -6.69 -0.96 15.58
C LEU A 99 -7.55 -0.11 16.50
N LYS A 100 -8.58 -0.71 17.11
CA LYS A 100 -9.49 -0.01 18.02
C LYS A 100 -10.33 1.04 17.29
N LEU A 101 -10.95 0.66 16.17
CA LEU A 101 -11.75 1.57 15.36
C LEU A 101 -13.11 0.96 15.09
N ASP A 102 -14.10 1.75 14.71
CA ASP A 102 -15.43 1.21 14.39
C ASP A 102 -15.54 0.85 12.92
N TYR A 103 -14.75 1.50 12.07
CA TYR A 103 -14.75 1.24 10.65
C TYR A 103 -13.38 1.55 10.06
N LEU A 104 -13.17 1.12 8.82
CA LEU A 104 -11.93 1.36 8.10
C LEU A 104 -12.28 2.29 6.95
N ASP A 105 -11.36 3.11 6.51
CA ASP A 105 -11.62 4.02 5.40
C ASP A 105 -11.40 3.28 4.09
N LEU A 106 -10.44 2.37 4.05
CA LEU A 106 -10.15 1.59 2.87
C LEU A 106 -9.65 0.20 3.26
N TYR A 107 -10.25 -0.86 2.73
CA TYR A 107 -9.82 -2.23 3.02
C TYR A 107 -9.43 -2.90 1.69
N LEU A 108 -8.17 -3.33 1.55
CA LEU A 108 -7.70 -3.95 0.32
C LEU A 108 -7.40 -5.45 0.38
N ILE A 109 -7.60 -6.17 -0.73
CA ILE A 109 -7.25 -7.58 -0.78
C ILE A 109 -5.75 -7.43 -0.99
N HIS A 110 -4.94 -7.98 -0.08
CA HIS A 110 -3.48 -7.83 -0.16
C HIS A 110 -2.79 -8.30 -1.43
N TRP A 111 -3.10 -9.52 -1.87
CA TRP A 111 -2.53 -10.12 -3.07
C TRP A 111 -3.64 -10.90 -3.74
N PRO A 112 -3.57 -11.08 -5.08
CA PRO A 112 -4.65 -11.84 -5.73
C PRO A 112 -4.58 -13.32 -5.37
N THR A 113 -3.46 -13.76 -4.80
CA THR A 113 -3.24 -15.16 -4.44
C THR A 113 -3.77 -15.61 -3.08
N GLY A 114 -4.58 -16.65 -3.05
CA GLY A 114 -5.11 -17.14 -1.79
C GLY A 114 -4.29 -18.32 -1.31
N PHE A 115 -3.96 -18.37 -0.03
CA PHE A 115 -3.15 -19.45 0.54
C PHE A 115 -4.01 -20.34 1.39
N LYS A 116 -3.59 -21.59 1.60
CA LYS A 116 -4.33 -22.51 2.45
C LYS A 116 -4.60 -21.82 3.79
N PRO A 117 -5.84 -21.87 4.28
CA PRO A 117 -6.17 -21.23 5.55
C PRO A 117 -5.37 -21.79 6.73
N GLY A 118 -5.04 -20.92 7.69
CA GLY A 118 -4.30 -21.35 8.87
C GLY A 118 -3.64 -20.21 9.62
N LYS A 119 -2.98 -20.52 10.73
CA LYS A 119 -2.28 -19.53 11.54
C LYS A 119 -0.99 -19.09 10.85
N ASP A 120 -0.40 -19.99 10.06
CA ASP A 120 0.82 -19.69 9.33
C ASP A 120 0.50 -18.80 8.12
N PRO A 121 1.04 -17.56 8.10
CA PRO A 121 0.84 -16.58 7.03
C PRO A 121 1.42 -17.00 5.67
N PHE A 122 2.45 -17.86 5.68
CA PHE A 122 3.07 -18.35 4.46
C PHE A 122 3.20 -19.87 4.59
N PRO A 123 2.10 -20.61 4.34
CA PRO A 123 2.10 -22.07 4.44
C PRO A 123 2.83 -22.74 3.30
N LEU A 124 4.08 -23.18 3.51
CA LEU A 124 4.86 -23.82 2.47
C LEU A 124 4.79 -25.34 2.47
N ASP A 125 5.22 -25.95 1.38
CA ASP A 125 5.24 -27.40 1.25
C ASP A 125 6.70 -27.85 1.34
N GLY A 126 6.95 -29.15 1.31
CA GLY A 126 8.30 -29.65 1.39
C GLY A 126 9.30 -28.98 0.45
N ASP A 127 8.83 -28.48 -0.68
CA ASP A 127 9.69 -27.83 -1.66
C ASP A 127 9.82 -26.33 -1.43
N GLY A 128 9.32 -25.82 -0.31
CA GLY A 128 9.42 -24.40 -0.05
C GLY A 128 8.48 -23.57 -0.91
N ASN A 129 7.47 -24.22 -1.48
CA ASN A 129 6.50 -23.52 -2.31
C ASN A 129 5.35 -23.18 -1.39
N VAL A 130 4.67 -22.07 -1.61
CA VAL A 130 3.53 -21.73 -0.77
C VAL A 130 2.32 -22.53 -1.25
N VAL A 131 1.60 -23.12 -0.31
CA VAL A 131 0.42 -23.91 -0.62
C VAL A 131 -0.79 -23.02 -0.85
N PRO A 132 -1.44 -23.15 -2.03
CA PRO A 132 -2.61 -22.34 -2.37
C PRO A 132 -3.89 -22.92 -1.80
N ASP A 133 -5.00 -22.20 -1.90
CA ASP A 133 -6.28 -22.67 -1.40
C ASP A 133 -7.23 -22.98 -2.54
N GLU A 134 -8.48 -23.25 -2.23
CA GLU A 134 -9.47 -23.57 -3.24
C GLU A 134 -10.38 -22.40 -3.57
N SER A 135 -9.87 -21.16 -3.50
CA SER A 135 -10.73 -20.02 -3.80
C SER A 135 -10.29 -19.17 -4.99
N ASP A 136 -11.21 -18.34 -5.50
CA ASP A 136 -10.96 -17.42 -6.61
C ASP A 136 -11.18 -16.03 -6.03
N PHE A 137 -10.36 -15.04 -6.41
CA PHE A 137 -10.51 -13.71 -5.83
C PHE A 137 -11.80 -12.99 -6.18
N VAL A 138 -12.58 -13.52 -7.12
CA VAL A 138 -13.85 -12.91 -7.51
C VAL A 138 -14.89 -13.20 -6.41
N GLU A 139 -14.84 -14.37 -5.78
CA GLU A 139 -15.75 -14.71 -4.69
C GLU A 139 -15.28 -13.99 -3.44
N THR A 140 -13.98 -13.81 -3.28
CA THR A 140 -13.45 -13.10 -2.14
C THR A 140 -13.94 -11.66 -2.22
N TRP A 141 -13.96 -11.09 -3.42
CA TRP A 141 -14.43 -9.72 -3.60
C TRP A 141 -15.88 -9.55 -3.18
N GLU A 142 -16.75 -10.50 -3.52
CA GLU A 142 -18.17 -10.45 -3.17
C GLU A 142 -18.29 -10.32 -1.67
N ALA A 143 -17.43 -11.00 -0.92
CA ALA A 143 -17.45 -10.90 0.54
C ALA A 143 -16.94 -9.52 0.96
N MET A 144 -15.96 -8.96 0.24
CA MET A 144 -15.43 -7.63 0.54
C MET A 144 -16.57 -6.63 0.37
N GLU A 145 -17.49 -6.91 -0.56
CA GLU A 145 -18.62 -6.03 -0.83
C GLU A 145 -19.60 -5.99 0.35
N GLU A 146 -19.83 -7.12 1.01
CA GLU A 146 -20.73 -7.15 2.15
C GLU A 146 -20.21 -6.21 3.21
N LEU A 147 -18.90 -6.16 3.39
CA LEU A 147 -18.28 -5.28 4.39
C LEU A 147 -18.79 -3.86 4.22
N VAL A 148 -18.87 -3.36 2.99
CA VAL A 148 -19.33 -2.00 2.71
C VAL A 148 -20.80 -1.90 3.11
N ASP A 149 -21.60 -2.88 2.72
CA ASP A 149 -23.02 -2.91 3.04
C ASP A 149 -23.30 -2.78 4.51
N GLU A 150 -22.42 -3.31 5.35
CA GLU A 150 -22.60 -3.28 6.80
C GLU A 150 -21.88 -2.10 7.45
N GLY A 151 -21.26 -1.25 6.64
CA GLY A 151 -20.58 -0.09 7.17
C GLY A 151 -19.28 -0.39 7.89
N LEU A 152 -18.71 -1.57 7.73
CA LEU A 152 -17.46 -1.88 8.42
C LEU A 152 -16.31 -1.20 7.72
N VAL A 153 -16.43 -0.95 6.41
CA VAL A 153 -15.39 -0.24 5.66
C VAL A 153 -16.01 0.78 4.68
N LYS A 154 -15.36 1.91 4.47
CA LYS A 154 -15.88 2.96 3.60
C LYS A 154 -15.65 2.67 2.14
N ALA A 155 -14.61 1.92 1.82
CA ALA A 155 -14.31 1.60 0.44
C ALA A 155 -13.44 0.34 0.36
N ILE A 156 -13.46 -0.36 -0.77
CA ILE A 156 -12.65 -1.57 -0.93
C ILE A 156 -11.80 -1.45 -2.20
N GLY A 157 -10.63 -2.08 -2.20
CA GLY A 157 -9.75 -2.02 -3.36
C GLY A 157 -8.86 -3.25 -3.44
N VAL A 158 -7.86 -3.20 -4.31
CA VAL A 158 -6.94 -4.32 -4.49
C VAL A 158 -5.47 -3.90 -4.35
N SER A 159 -4.57 -4.86 -4.33
CA SER A 159 -3.14 -4.57 -4.18
C SER A 159 -2.40 -5.61 -5.00
N ASN A 160 -1.41 -5.21 -5.79
CA ASN A 160 -0.64 -6.15 -6.60
C ASN A 160 -1.51 -6.91 -7.60
N PHE A 161 -2.54 -6.27 -8.14
CA PHE A 161 -3.39 -6.92 -9.14
C PHE A 161 -2.91 -6.47 -10.51
N ASN A 162 -2.93 -7.35 -11.52
CA ASN A 162 -2.51 -6.93 -12.85
C ASN A 162 -3.75 -6.45 -13.61
N HIS A 163 -3.59 -5.66 -14.66
CA HIS A 163 -4.75 -5.14 -15.38
C HIS A 163 -5.76 -6.22 -15.78
N LEU A 164 -5.31 -7.45 -16.02
CA LEU A 164 -6.22 -8.52 -16.41
C LEU A 164 -7.03 -9.02 -15.22
N GLN A 165 -6.44 -8.99 -14.02
CA GLN A 165 -7.14 -9.44 -12.82
C GLN A 165 -8.19 -8.40 -12.41
N VAL A 166 -7.83 -7.11 -12.49
CA VAL A 166 -8.78 -6.04 -12.16
C VAL A 166 -10.00 -6.18 -13.09
N GLU A 167 -9.73 -6.37 -14.38
CA GLU A 167 -10.77 -6.55 -15.40
C GLU A 167 -11.71 -7.68 -15.02
N LYS A 168 -11.16 -8.74 -14.43
CA LYS A 168 -11.98 -9.87 -14.03
C LYS A 168 -13.02 -9.42 -13.00
N ILE A 169 -12.66 -8.48 -12.13
CA ILE A 169 -13.58 -7.95 -11.12
C ILE A 169 -14.53 -6.97 -11.82
N LEU A 170 -13.98 -6.04 -12.61
CA LEU A 170 -14.78 -5.06 -13.32
C LEU A 170 -15.85 -5.69 -14.19
N ASN A 171 -15.69 -6.93 -14.62
CA ASN A 171 -16.69 -7.57 -15.46
C ASN A 171 -17.49 -8.64 -14.74
N LYS A 172 -17.27 -8.78 -13.45
CA LYS A 172 -17.99 -9.75 -12.64
C LYS A 172 -19.49 -9.48 -12.71
N PRO A 173 -20.28 -10.48 -13.10
CA PRO A 173 -21.73 -10.27 -13.17
C PRO A 173 -22.28 -10.06 -11.76
N GLY A 174 -23.18 -9.10 -11.57
CA GLY A 174 -23.71 -8.87 -10.24
C GLY A 174 -22.81 -8.01 -9.36
N LEU A 175 -21.81 -7.36 -9.97
CA LEU A 175 -20.88 -6.51 -9.25
C LEU A 175 -21.56 -5.32 -8.58
N LYS A 176 -21.35 -5.14 -7.28
CA LYS A 176 -21.94 -4.05 -6.51
C LYS A 176 -21.03 -2.84 -6.46
N TYR A 177 -19.82 -3.00 -5.96
CA TYR A 177 -18.87 -1.89 -5.87
C TYR A 177 -17.60 -2.28 -6.56
N LYS A 178 -17.05 -1.40 -7.38
CA LYS A 178 -15.82 -1.69 -8.08
C LYS A 178 -14.64 -1.24 -7.22
N PRO A 179 -13.42 -1.72 -7.52
CA PRO A 179 -12.25 -1.32 -6.74
C PRO A 179 -11.96 0.18 -6.82
N ALA A 180 -11.71 0.82 -5.68
CA ALA A 180 -11.45 2.25 -5.66
C ALA A 180 -9.97 2.55 -5.72
N VAL A 181 -9.13 1.59 -5.34
CA VAL A 181 -7.69 1.78 -5.32
C VAL A 181 -6.94 0.50 -5.73
N ASN A 182 -5.73 0.64 -6.24
CA ASN A 182 -4.85 -0.48 -6.60
C ASN A 182 -3.52 -0.07 -6.03
N GLN A 183 -3.08 -0.68 -4.93
CA GLN A 183 -1.80 -0.32 -4.34
C GLN A 183 -0.74 -1.18 -5.01
N ILE A 184 0.23 -0.56 -5.67
CA ILE A 184 1.25 -1.32 -6.37
C ILE A 184 2.61 -0.72 -6.18
N GLU A 185 3.66 -1.48 -6.44
CA GLU A 185 5.04 -1.01 -6.29
C GLU A 185 5.35 -0.01 -7.41
N VAL A 186 5.84 1.18 -7.05
CA VAL A 186 6.16 2.20 -8.04
C VAL A 186 7.34 3.09 -7.62
N HIS A 187 8.48 2.91 -8.26
CA HIS A 187 9.68 3.70 -8.00
C HIS A 187 10.40 3.86 -9.34
N PRO A 188 11.44 4.72 -9.41
CA PRO A 188 12.19 4.92 -10.66
C PRO A 188 12.55 3.67 -11.47
N TYR A 189 12.90 2.58 -10.80
CA TYR A 189 13.28 1.34 -11.47
C TYR A 189 12.06 0.53 -11.90
N LEU A 190 10.86 1.05 -11.66
CA LEU A 190 9.61 0.40 -12.01
C LEU A 190 8.55 1.49 -12.02
N THR A 191 8.47 2.26 -13.11
CA THR A 191 7.53 3.37 -13.24
C THR A 191 6.09 2.98 -13.56
N GLN A 192 5.85 1.71 -13.88
CA GLN A 192 4.50 1.22 -14.14
C GLN A 192 3.61 2.10 -15.01
N GLU A 193 4.18 2.81 -15.98
CA GLU A 193 3.39 3.67 -16.83
C GLU A 193 2.14 3.01 -17.40
N LYS A 194 2.18 1.72 -17.70
CA LYS A 194 1.02 1.04 -18.28
C LYS A 194 -0.11 0.66 -17.32
N LEU A 195 0.20 0.14 -16.14
CA LEU A 195 -0.84 -0.22 -15.19
C LEU A 195 -1.50 1.02 -14.62
N ILE A 196 -0.71 2.07 -14.36
CA ILE A 196 -1.26 3.33 -13.85
C ILE A 196 -2.27 3.86 -14.87
N GLU A 197 -1.86 3.96 -16.14
CA GLU A 197 -2.72 4.45 -17.23
C GLU A 197 -4.00 3.62 -17.33
N TYR A 198 -3.89 2.29 -17.20
CA TYR A 198 -5.06 1.43 -17.26
C TYR A 198 -5.97 1.77 -16.09
N CYS A 199 -5.41 1.79 -14.88
CA CYS A 199 -6.16 2.09 -13.67
C CYS A 199 -6.86 3.44 -13.75
N LYS A 200 -6.11 4.49 -14.05
CA LYS A 200 -6.69 5.83 -14.17
C LYS A 200 -7.86 5.81 -15.14
N SER A 201 -7.68 5.26 -16.33
CA SER A 201 -8.77 5.20 -17.30
C SER A 201 -10.00 4.49 -16.74
N LYS A 202 -9.85 3.74 -15.66
CA LYS A 202 -10.99 3.04 -15.10
C LYS A 202 -11.52 3.75 -13.86
N GLY A 203 -10.93 4.90 -13.51
CA GLY A 203 -11.38 5.63 -12.34
C GLY A 203 -10.93 5.01 -11.03
N ILE A 204 -9.76 4.38 -11.06
CA ILE A 204 -9.20 3.72 -9.88
C ILE A 204 -7.96 4.48 -9.46
N VAL A 205 -7.91 4.93 -8.21
CA VAL A 205 -6.75 5.66 -7.73
C VAL A 205 -5.62 4.67 -7.51
N VAL A 206 -4.38 5.12 -7.72
CA VAL A 206 -3.21 4.28 -7.57
C VAL A 206 -2.34 4.73 -6.40
N THR A 207 -2.02 3.83 -5.48
CA THR A 207 -1.15 4.16 -4.38
C THR A 207 0.19 3.51 -4.71
N ALA A 208 1.28 4.28 -4.61
CA ALA A 208 2.60 3.76 -4.92
C ALA A 208 3.26 3.34 -3.64
N TYR A 209 3.76 2.11 -3.54
CA TYR A 209 4.42 1.67 -2.31
C TYR A 209 5.91 1.48 -2.53
N SER A 210 6.68 1.41 -1.45
CA SER A 210 8.11 1.25 -1.57
C SER A 210 8.69 2.33 -2.50
N PRO A 211 8.34 3.62 -2.25
CA PRO A 211 8.84 4.72 -3.08
C PRO A 211 10.35 4.94 -2.96
N LEU A 212 10.98 4.39 -1.94
CA LEU A 212 12.43 4.54 -1.74
C LEU A 212 13.18 3.24 -2.07
N GLY A 213 12.49 2.24 -2.60
CA GLY A 213 13.16 1.00 -2.93
C GLY A 213 13.12 0.01 -1.79
N SER A 214 12.70 0.45 -0.61
CA SER A 214 12.62 -0.43 0.56
C SER A 214 13.97 -1.07 0.88
N PRO A 215 14.98 -0.25 1.20
CA PRO A 215 16.32 -0.76 1.53
C PRO A 215 16.32 -1.63 2.79
N ASP A 216 15.25 -1.59 3.56
CA ASP A 216 15.14 -2.38 4.79
C ASP A 216 14.44 -3.71 4.62
N ARG A 217 14.17 -4.12 3.38
CA ARG A 217 13.50 -5.38 3.12
C ARG A 217 14.43 -6.55 3.44
N PRO A 218 13.89 -7.64 3.97
CA PRO A 218 14.65 -8.84 4.34
C PRO A 218 15.60 -9.39 3.26
N TRP A 219 15.07 -9.69 2.08
CA TRP A 219 15.86 -10.25 0.98
C TRP A 219 16.87 -9.32 0.32
N ALA A 220 16.96 -8.07 0.74
CA ALA A 220 17.91 -7.13 0.13
C ALA A 220 19.34 -7.66 0.27
N LYS A 221 20.09 -7.71 -0.82
CA LYS A 221 21.46 -8.20 -0.76
C LYS A 221 22.46 -7.07 -1.00
N PRO A 222 23.67 -7.20 -0.44
CA PRO A 222 24.73 -6.19 -0.58
C PRO A 222 24.94 -5.69 -2.01
N GLU A 223 24.67 -6.52 -3.01
CA GLU A 223 24.83 -6.12 -4.40
C GLU A 223 23.49 -5.75 -5.03
N ASP A 224 22.57 -5.23 -4.23
CA ASP A 224 21.25 -4.83 -4.71
C ASP A 224 21.20 -3.37 -5.10
N PRO A 225 20.56 -3.06 -6.24
CA PRO A 225 20.46 -1.66 -6.68
C PRO A 225 19.99 -0.76 -5.52
N SER A 226 20.41 0.50 -5.49
CA SER A 226 20.00 1.41 -4.43
C SER A 226 19.48 2.73 -4.99
N LEU A 227 18.20 3.03 -4.74
CA LEU A 227 17.58 4.26 -5.23
C LEU A 227 18.03 5.47 -4.42
N LEU A 228 18.30 5.27 -3.13
CA LEU A 228 18.73 6.38 -2.27
C LEU A 228 20.20 6.71 -2.49
N GLU A 229 20.99 5.74 -2.96
CA GLU A 229 22.42 5.95 -3.19
C GLU A 229 22.75 5.94 -4.69
N ASP A 230 21.90 6.53 -5.51
CA ASP A 230 22.12 6.59 -6.96
C ASP A 230 22.57 7.99 -7.34
N PRO A 231 23.84 8.13 -7.76
CA PRO A 231 24.41 9.42 -8.16
C PRO A 231 23.44 10.28 -8.95
N ARG A 232 22.83 9.71 -9.99
CA ARG A 232 21.88 10.43 -10.83
C ARG A 232 20.77 11.08 -10.02
N ILE A 233 20.03 10.30 -9.24
CA ILE A 233 18.94 10.84 -8.42
C ILE A 233 19.53 11.81 -7.40
N LYS A 234 20.69 11.49 -6.85
CA LYS A 234 21.33 12.35 -5.87
C LYS A 234 21.65 13.68 -6.55
N ALA A 235 21.95 13.63 -7.85
CA ALA A 235 22.27 14.82 -8.63
C ALA A 235 21.05 15.74 -8.71
N ILE A 236 19.94 15.25 -9.23
CA ILE A 236 18.73 16.05 -9.33
C ILE A 236 18.30 16.43 -7.91
N ALA A 237 18.63 15.60 -6.94
CA ALA A 237 18.27 15.86 -5.55
C ALA A 237 19.06 17.05 -5.03
N ALA A 238 20.37 17.08 -5.28
CA ALA A 238 21.22 18.17 -4.82
C ALA A 238 20.78 19.53 -5.39
N LYS A 239 20.59 19.63 -6.71
CA LYS A 239 20.20 20.90 -7.31
C LYS A 239 18.84 21.42 -6.84
N TYR A 240 18.16 20.69 -5.96
CA TYR A 240 16.85 21.10 -5.47
C TYR A 240 16.87 21.50 -4.00
N ASN A 241 17.99 21.26 -3.32
CA ASN A 241 18.09 21.57 -1.90
C ASN A 241 17.12 20.68 -1.15
N LYS A 242 17.08 19.41 -1.53
CA LYS A 242 16.22 18.41 -0.91
C LYS A 242 17.05 17.13 -0.83
N THR A 243 16.50 16.05 -0.30
CA THR A 243 17.23 14.81 -0.19
C THR A 243 16.83 13.88 -1.33
N THR A 244 17.53 12.76 -1.51
CA THR A 244 17.17 11.81 -2.55
C THR A 244 15.75 11.39 -2.20
N ALA A 245 15.55 10.94 -0.98
CA ALA A 245 14.24 10.50 -0.49
C ALA A 245 13.13 11.54 -0.74
N GLN A 246 13.38 12.80 -0.35
CA GLN A 246 12.37 13.84 -0.54
C GLN A 246 11.94 13.95 -2.01
N VAL A 247 12.85 13.69 -2.94
CA VAL A 247 12.50 13.79 -4.35
C VAL A 247 11.81 12.49 -4.78
N LEU A 248 12.26 11.37 -4.25
CA LEU A 248 11.68 10.07 -4.59
C LEU A 248 10.22 10.04 -4.16
N ILE A 249 9.86 10.88 -3.18
CA ILE A 249 8.51 10.97 -2.67
C ILE A 249 7.69 11.96 -3.50
N ARG A 250 8.34 13.00 -4.03
CA ARG A 250 7.65 14.00 -4.84
C ARG A 250 7.33 13.46 -6.23
N PHE A 251 8.22 12.63 -6.76
CA PHE A 251 8.08 12.00 -8.08
C PHE A 251 6.73 11.28 -8.29
N PRO A 252 6.37 10.35 -7.38
CA PRO A 252 5.10 9.64 -7.55
C PRO A 252 3.91 10.55 -7.29
N MET A 253 4.10 11.60 -6.49
CA MET A 253 3.06 12.56 -6.16
C MET A 253 2.77 13.43 -7.37
N GLN A 254 3.81 13.85 -8.09
CA GLN A 254 3.62 14.68 -9.25
C GLN A 254 2.96 13.90 -10.38
N ARG A 255 3.12 12.58 -10.39
CA ARG A 255 2.48 11.74 -11.41
C ARG A 255 1.01 11.50 -11.04
N ASN A 256 0.52 12.19 -10.01
CA ASN A 256 -0.87 12.05 -9.55
C ASN A 256 -1.11 10.68 -8.89
N LEU A 257 -0.17 10.24 -8.06
CA LEU A 257 -0.30 8.96 -7.37
C LEU A 257 -0.15 9.20 -5.88
N ILE A 258 -0.80 8.37 -5.06
CA ILE A 258 -0.72 8.47 -3.60
C ILE A 258 0.55 7.74 -3.14
N VAL A 259 1.32 8.32 -2.21
CA VAL A 259 2.53 7.68 -1.72
C VAL A 259 2.50 7.37 -0.23
N ILE A 260 3.10 6.25 0.17
CA ILE A 260 3.13 5.88 1.57
C ILE A 260 4.51 5.39 2.01
N PRO A 261 5.48 6.32 2.16
CA PRO A 261 6.83 5.95 2.58
C PRO A 261 6.84 5.47 4.05
N LYS A 262 7.77 4.60 4.42
CA LYS A 262 7.82 4.08 5.78
C LYS A 262 9.06 4.48 6.57
N SER A 263 8.88 4.82 7.84
CA SER A 263 9.99 5.19 8.70
C SER A 263 9.55 5.20 10.16
N VAL A 264 10.38 4.69 11.05
CA VAL A 264 10.07 4.68 12.47
C VAL A 264 10.96 5.73 13.11
N THR A 265 11.77 6.41 12.29
CA THR A 265 12.67 7.44 12.76
C THR A 265 11.96 8.79 12.66
N PRO A 266 11.73 9.46 13.81
CA PRO A 266 11.05 10.75 13.81
C PRO A 266 11.64 11.81 12.90
N GLU A 267 12.97 11.89 12.77
CA GLU A 267 13.59 12.89 11.92
C GLU A 267 13.22 12.70 10.46
N ARG A 268 13.19 11.44 10.01
CA ARG A 268 12.84 11.15 8.63
C ARG A 268 11.34 11.25 8.47
N ILE A 269 10.57 10.89 9.49
CA ILE A 269 9.13 10.99 9.39
C ILE A 269 8.78 12.44 9.06
N ALA A 270 9.56 13.39 9.57
CA ALA A 270 9.33 14.82 9.33
C ALA A 270 9.86 15.20 7.95
N GLU A 271 11.05 14.73 7.59
CA GLU A 271 11.63 15.04 6.28
C GLU A 271 10.71 14.50 5.19
N ASN A 272 10.14 13.32 5.40
CA ASN A 272 9.24 12.72 4.42
C ASN A 272 8.02 13.62 4.23
N PHE A 273 7.72 14.44 5.23
CA PHE A 273 6.58 15.35 5.16
C PHE A 273 6.93 16.66 4.48
N GLN A 274 8.22 16.96 4.37
CA GLN A 274 8.68 18.20 3.73
C GLN A 274 8.80 18.03 2.22
N VAL A 275 7.68 17.92 1.52
CA VAL A 275 7.68 17.71 0.08
C VAL A 275 6.50 18.39 -0.58
N PHE A 276 5.81 19.28 0.13
CA PHE A 276 4.67 19.97 -0.43
C PHE A 276 5.05 21.41 -0.77
N ASP A 277 6.32 21.78 -0.54
CA ASP A 277 6.76 23.14 -0.81
C ASP A 277 7.47 23.33 -2.14
N PHE A 278 7.86 22.26 -2.84
CA PHE A 278 8.56 22.42 -4.10
C PHE A 278 7.94 21.67 -5.27
N GLU A 279 8.67 21.59 -6.38
CA GLU A 279 8.21 20.91 -7.59
C GLU A 279 9.37 20.41 -8.43
N LEU A 280 9.13 19.42 -9.29
CA LEU A 280 10.17 18.87 -10.15
C LEU A 280 9.99 19.34 -11.59
N SER A 281 11.09 19.53 -12.30
CA SER A 281 11.06 20.00 -13.68
C SER A 281 10.43 18.97 -14.60
N PRO A 282 9.63 19.43 -15.58
CA PRO A 282 8.99 18.49 -16.50
C PRO A 282 10.05 17.56 -17.08
N GLU A 283 11.31 18.02 -17.13
CA GLU A 283 12.41 17.21 -17.64
C GLU A 283 12.91 16.33 -16.50
N ASP A 284 13.07 16.92 -15.31
CA ASP A 284 13.52 16.17 -14.14
C ASP A 284 12.57 14.99 -14.03
N MET A 285 11.28 15.23 -14.20
CA MET A 285 10.29 14.18 -14.12
C MET A 285 10.60 13.15 -15.20
N ASN A 286 11.01 13.60 -16.38
CA ASN A 286 11.34 12.71 -17.48
C ASN A 286 12.65 11.97 -17.22
N THR A 287 13.65 12.65 -16.64
CA THR A 287 14.92 12.01 -16.35
C THR A 287 14.67 10.78 -15.47
N LEU A 288 13.85 10.95 -14.43
CA LEU A 288 13.54 9.86 -13.52
C LEU A 288 12.78 8.73 -14.21
N LEU A 289 11.67 9.05 -14.87
CA LEU A 289 10.87 8.03 -15.55
C LEU A 289 11.72 7.12 -16.44
N SER A 290 12.81 7.65 -17.00
CA SER A 290 13.69 6.91 -17.90
C SER A 290 14.61 5.87 -17.24
N TYR A 291 14.63 5.82 -15.91
CA TYR A 291 15.48 4.84 -15.23
C TYR A 291 14.77 3.51 -15.07
N ASN A 292 13.56 3.40 -15.63
CA ASN A 292 12.76 2.18 -15.55
C ASN A 292 13.50 0.96 -16.08
N ARG A 293 13.76 -0.01 -15.22
CA ARG A 293 14.45 -1.24 -15.60
C ARG A 293 13.57 -2.43 -15.26
N ASN A 294 12.28 -2.19 -15.00
CA ASN A 294 11.35 -3.25 -14.66
C ASN A 294 11.86 -4.10 -13.51
N TRP A 295 12.51 -3.48 -12.53
CA TRP A 295 13.06 -4.22 -11.40
C TRP A 295 12.16 -4.06 -10.15
N ARG A 296 11.42 -5.10 -9.79
CA ARG A 296 10.56 -5.06 -8.62
C ARG A 296 11.27 -5.67 -7.43
N VAL A 297 11.30 -4.97 -6.30
CA VAL A 297 11.95 -5.47 -5.10
C VAL A 297 10.97 -6.38 -4.34
N CYS A 298 9.72 -6.43 -4.80
CA CYS A 298 8.65 -7.23 -4.18
C CYS A 298 7.96 -8.11 -5.24
N ALA A 299 8.47 -9.30 -5.50
CA ALA A 299 7.85 -10.17 -6.50
C ALA A 299 7.31 -11.50 -5.97
N LEU A 300 7.31 -11.71 -4.66
CA LEU A 300 6.80 -12.94 -4.06
C LEU A 300 7.12 -14.18 -4.92
N MET A 301 8.40 -14.37 -5.24
CA MET A 301 8.87 -15.48 -6.04
C MET A 301 8.37 -16.83 -5.57
N SER A 302 8.12 -16.98 -4.27
CA SER A 302 7.62 -18.25 -3.74
C SER A 302 6.18 -18.52 -4.15
N CYS A 303 5.58 -17.59 -4.91
CA CYS A 303 4.20 -17.77 -5.36
C CYS A 303 4.14 -17.82 -6.88
N ALA A 304 5.29 -17.67 -7.54
CA ALA A 304 5.43 -17.70 -8.99
C ALA A 304 4.62 -18.78 -9.69
N SER A 305 4.39 -19.91 -9.05
CA SER A 305 3.62 -20.99 -9.67
C SER A 305 2.15 -20.96 -9.30
N HIS A 306 1.73 -20.00 -8.48
CA HIS A 306 0.32 -19.90 -8.10
C HIS A 306 -0.49 -19.49 -9.33
N LYS A 307 -1.62 -20.16 -9.57
CA LYS A 307 -2.47 -19.88 -10.71
C LYS A 307 -2.82 -18.39 -10.83
N ASP A 308 -2.79 -17.66 -9.71
CA ASP A 308 -3.12 -16.23 -9.71
C ASP A 308 -1.89 -15.35 -9.52
N TYR A 309 -0.69 -15.88 -9.66
CA TYR A 309 0.51 -15.05 -9.53
C TYR A 309 0.25 -13.92 -10.52
N PRO A 310 0.44 -12.67 -10.10
CA PRO A 310 0.20 -11.53 -10.99
C PRO A 310 1.33 -11.01 -11.84
N PHE A 311 2.56 -11.41 -11.58
CA PHE A 311 3.67 -10.85 -12.34
C PHE A 311 4.22 -11.61 -13.55
N HIS A 312 3.45 -12.52 -14.15
CA HIS A 312 3.91 -13.21 -15.35
C HIS A 312 3.43 -12.38 -16.53
N GLU A 313 2.41 -11.58 -16.30
CA GLU A 313 1.84 -10.75 -17.34
C GLU A 313 2.60 -9.45 -17.53
N GLU A 314 2.48 -8.84 -18.71
CA GLU A 314 3.15 -7.58 -19.05
C GLU A 314 2.86 -6.53 -17.97
N TYR A 315 1.57 -6.31 -17.68
CA TYR A 315 1.14 -5.34 -16.68
C TYR A 315 -0.30 -5.68 -16.28
#